data_4OK1
#
_entry.id   4OK1
#
_cell.length_a   53.451
_cell.length_b   66.086
_cell.length_c   69.659
_cell.angle_alpha   90.00
_cell.angle_beta   90.00
_cell.angle_gamma   90.00
#
_symmetry.space_group_name_H-M   'P 21 21 21'
#
loop_
_entity.id
_entity.type
_entity.pdbx_description
1 polymer 'Androgen receptor'
2 polymer 'co-regulator peptide'
3 non-polymer R-BICALUTAMIDE
4 water water
#
loop_
_entity_poly.entity_id
_entity_poly.type
_entity_poly.pdbx_seq_one_letter_code
_entity_poly.pdbx_strand_id
1 'polypeptide(L)'
;QPIFLNVLEAIEPGVVCAGHDNNQPDSFAALLSSLNELGERQLVHVVKWAKALPGFRNLHVDDQMAVIQYSLMGLMVFAM
GWRSFTNVNSAMLYFAPDLVFNEYRMHKSRMYSQCVRMRHLSQEFGWLQITPQEFLCMKALLLFSIIPVDGLKNQKFFDE
LRMNYIKELDRIIACKRKNPTSCSRRFYQLTKLLDSVQPIARELHQFTFDLLIKSHMVSVDFPEMMAEIISVQVPKILSG
KVKPIYFHTQ
;
A
2 'polypeptide(L)' RGAFQNLFQSV B
#
loop_
_chem_comp.id
_chem_comp.type
_chem_comp.name
_chem_comp.formula
198 non-polymer R-BICALUTAMIDE 'C18 H14 F4 N2 O4 S'
#
# COMPACT_ATOMS: atom_id res chain seq x y z
N GLN A 1 27.45 -6.85 6.34
CA GLN A 1 26.14 -7.29 6.90
C GLN A 1 25.06 -7.68 5.86
N PRO A 2 23.81 -7.90 6.33
CA PRO A 2 22.63 -7.78 5.46
C PRO A 2 22.24 -6.25 5.29
N ILE A 3 23.00 -5.56 4.45
CA ILE A 3 22.97 -4.10 4.34
C ILE A 3 21.57 -3.65 3.96
N PHE A 4 21.05 -4.32 2.95
CA PHE A 4 19.81 -3.95 2.38
C PHE A 4 18.64 -4.08 3.40
N LEU A 5 18.59 -5.25 4.05
CA LEU A 5 17.59 -5.58 5.06
C LEU A 5 17.69 -4.68 6.26
N ASN A 6 18.91 -4.38 6.70
CA ASN A 6 19.12 -3.37 7.71
C ASN A 6 18.40 -2.04 7.38
N VAL A 7 18.61 -1.55 6.17
CA VAL A 7 18.00 -0.29 5.76
C VAL A 7 16.49 -0.35 5.86
N LEU A 8 15.91 -1.43 5.32
CA LEU A 8 14.46 -1.60 5.34
C LEU A 8 13.90 -1.57 6.74
N GLU A 9 14.64 -2.12 7.70
CA GLU A 9 14.15 -2.17 9.06
C GLU A 9 14.35 -0.84 9.68
N ALA A 10 15.53 -0.25 9.45
CA ALA A 10 15.81 1.11 9.94
C ALA A 10 14.71 2.17 9.55
N ILE A 11 14.31 2.23 8.28
CA ILE A 11 13.30 3.23 7.82
C ILE A 11 11.82 2.84 8.02
N GLU A 12 11.53 1.59 8.41
CA GLU A 12 10.15 1.15 8.49
C GLU A 12 9.35 2.06 9.44
N PRO A 13 8.19 2.59 9.00
CA PRO A 13 7.60 3.67 9.83
C PRO A 13 6.96 3.14 11.09
N GLY A 14 6.79 4.01 12.08
CA GLY A 14 6.12 3.64 13.32
C GLY A 14 4.61 3.53 13.17
N VAL A 15 3.91 3.30 14.27
CA VAL A 15 2.45 3.36 14.38
C VAL A 15 1.93 4.74 13.93
N VAL A 16 0.84 4.77 13.15
CA VAL A 16 0.17 6.06 12.80
C VAL A 16 -1.26 5.93 13.30
N CYS A 17 -1.76 6.91 14.05
CA CYS A 17 -3.08 6.79 14.65
C CYS A 17 -4.00 7.61 13.78
N ALA A 18 -5.30 7.27 13.76
CA ALA A 18 -6.28 7.94 12.93
C ALA A 18 -6.90 9.17 13.63
N GLY A 19 -6.90 9.18 14.96
CA GLY A 19 -7.56 10.22 15.75
C GLY A 19 -9.07 10.01 15.88
N HIS A 20 -9.52 8.77 15.77
CA HIS A 20 -10.93 8.47 15.67
C HIS A 20 -11.61 8.36 17.03
N ASP A 21 -12.83 8.91 17.14
CA ASP A 21 -13.64 8.85 18.37
C ASP A 21 -14.29 7.46 18.55
N ASN A 22 -13.63 6.58 19.26
CA ASN A 22 -14.17 5.24 19.47
C ASN A 22 -15.30 5.09 20.51
N ASN A 23 -15.82 6.20 21.04
CA ASN A 23 -17.03 6.16 21.92
C ASN A 23 -18.30 6.68 21.27
N GLN A 24 -18.18 7.41 20.16
CA GLN A 24 -19.35 7.74 19.33
C GLN A 24 -19.87 6.42 18.68
N PRO A 25 -21.20 6.29 18.47
CA PRO A 25 -21.67 5.12 17.71
C PRO A 25 -21.24 5.31 16.27
N ASP A 26 -20.99 4.19 15.56
CA ASP A 26 -20.52 4.24 14.18
C ASP A 26 -21.49 4.79 13.14
N SER A 27 -21.05 5.80 12.39
CA SER A 27 -21.77 6.17 11.19
C SER A 27 -20.83 6.03 10.01
N PHE A 28 -21.40 5.91 8.83
CA PHE A 28 -20.64 6.00 7.62
C PHE A 28 -19.70 7.24 7.58
N ALA A 29 -20.25 8.45 7.84
CA ALA A 29 -19.49 9.69 7.67
C ALA A 29 -18.31 9.80 8.61
N ALA A 30 -18.50 9.46 9.86
CA ALA A 30 -17.41 9.40 10.81
C ALA A 30 -16.29 8.37 10.45
N LEU A 31 -16.66 7.14 10.12
CA LEU A 31 -15.66 6.09 9.79
C LEU A 31 -14.84 6.54 8.57
N LEU A 32 -15.54 6.95 7.51
CA LEU A 32 -14.90 7.45 6.26
C LEU A 32 -14.14 8.74 6.41
N SER A 33 -14.60 9.61 7.31
CA SER A 33 -13.78 10.79 7.60
C SER A 33 -12.57 10.42 8.43
N SER A 34 -12.68 9.41 9.28
CA SER A 34 -11.49 9.03 9.97
C SER A 34 -10.48 8.32 9.05
N LEU A 35 -10.97 7.56 8.09
CA LEU A 35 -10.07 6.88 7.15
C LEU A 35 -9.36 7.85 6.22
N ASN A 36 -10.06 8.92 5.82
CA ASN A 36 -9.47 9.94 4.92
C ASN A 36 -8.39 10.67 5.61
N GLU A 37 -8.59 10.94 6.90
CA GLU A 37 -7.57 11.63 7.71
C GLU A 37 -6.34 10.71 7.94
N LEU A 38 -6.59 9.42 8.19
CA LEU A 38 -5.53 8.43 8.40
C LEU A 38 -4.82 8.27 7.11
N GLY A 39 -5.56 8.28 6.01
CA GLY A 39 -4.94 8.19 4.70
C GLY A 39 -3.88 9.24 4.48
N GLU A 40 -4.20 10.51 4.77
CA GLU A 40 -3.26 11.61 4.67
C GLU A 40 -2.08 11.39 5.63
N ARG A 41 -2.37 11.09 6.88
CA ARG A 41 -1.29 10.82 7.82
C ARG A 41 -0.33 9.75 7.30
N GLN A 42 -0.86 8.62 6.84
CA GLN A 42 0.05 7.56 6.40
C GLN A 42 0.81 8.00 5.13
N LEU A 43 0.18 8.83 4.30
CA LEU A 43 0.83 9.39 3.09
C LEU A 43 2.09 10.21 3.47
N VAL A 44 1.96 11.05 4.49
CA VAL A 44 3.11 11.79 4.97
C VAL A 44 4.28 10.84 5.33
N HIS A 45 3.98 9.78 6.07
CA HIS A 45 5.00 8.77 6.41
C HIS A 45 5.48 7.98 5.22
N VAL A 46 4.61 7.73 4.27
CA VAL A 46 5.07 7.06 3.08
C VAL A 46 6.07 7.90 2.27
N VAL A 47 5.85 9.22 2.20
CA VAL A 47 6.81 10.07 1.48
C VAL A 47 8.22 9.96 2.13
N LYS A 48 8.26 10.11 3.45
CA LYS A 48 9.54 10.01 4.18
C LYS A 48 10.25 8.67 4.04
N TRP A 49 9.49 7.57 4.20
CA TRP A 49 9.98 6.21 4.01
C TRP A 49 10.57 6.09 2.61
N ALA A 50 9.81 6.51 1.59
CA ALA A 50 10.16 6.25 0.21
C ALA A 50 11.43 6.99 -0.22
N LYS A 51 11.47 8.27 0.18
CA LYS A 51 12.66 9.04 -0.07
C LYS A 51 13.90 8.48 0.63
N ALA A 52 13.74 7.62 1.64
CA ALA A 52 14.95 7.01 2.23
C ALA A 52 15.34 5.62 1.66
N LEU A 53 14.63 5.12 0.65
CA LEU A 53 14.83 3.74 0.17
C LEU A 53 16.16 3.71 -0.58
N PRO A 54 16.89 2.57 -0.52
CA PRO A 54 18.08 2.48 -1.39
C PRO A 54 17.77 2.81 -2.87
N GLY A 55 18.47 3.78 -3.42
CA GLY A 55 18.41 4.10 -4.87
C GLY A 55 17.31 5.06 -5.30
N PHE A 56 16.37 5.35 -4.41
CA PHE A 56 15.19 6.09 -4.79
C PHE A 56 15.50 7.45 -5.41
N ARG A 57 16.68 7.94 -5.13
CA ARG A 57 17.02 9.27 -5.66
C ARG A 57 17.80 9.19 -6.95
N ASN A 58 18.06 7.97 -7.43
CA ASN A 58 18.38 7.70 -8.84
C ASN A 58 17.24 8.10 -9.76
N LEU A 59 15.99 8.09 -9.28
CA LEU A 59 14.85 8.46 -10.11
C LEU A 59 14.73 9.96 -10.28
N HIS A 60 14.24 10.39 -11.45
CA HIS A 60 13.84 11.75 -11.67
C HIS A 60 12.82 12.19 -10.60
N VAL A 61 13.05 13.33 -9.97
CA VAL A 61 12.08 13.91 -9.00
C VAL A 61 10.59 13.71 -9.38
N ASP A 62 10.29 13.75 -10.67
CA ASP A 62 8.94 13.62 -11.13
C ASP A 62 8.49 12.16 -11.12
N ASP A 63 9.41 11.23 -11.39
CA ASP A 63 9.12 9.81 -11.27
C ASP A 63 8.93 9.45 -9.78
N GLN A 64 9.74 10.07 -8.91
CA GLN A 64 9.60 9.90 -7.46
C GLN A 64 8.19 10.22 -6.97
N MET A 65 7.73 11.41 -7.29
CA MET A 65 6.41 11.83 -6.85
C MET A 65 5.31 10.94 -7.43
N ALA A 66 5.41 10.66 -8.72
CA ALA A 66 4.41 9.85 -9.39
C ALA A 66 4.33 8.41 -8.81
N VAL A 67 5.45 7.74 -8.60
CA VAL A 67 5.29 6.36 -8.10
C VAL A 67 4.73 6.35 -6.65
N ILE A 68 5.05 7.38 -5.85
CA ILE A 68 4.51 7.52 -4.48
C ILE A 68 2.98 7.54 -4.59
N GLN A 69 2.47 8.49 -5.36
CA GLN A 69 1.04 8.62 -5.51
C GLN A 69 0.32 7.41 -6.13
N TYR A 70 0.87 6.87 -7.22
CA TYR A 70 0.25 5.72 -7.86
C TYR A 70 0.23 4.52 -6.91
N SER A 71 1.26 4.34 -6.13
CA SER A 71 1.41 3.10 -5.36
C SER A 71 0.89 3.21 -3.94
N LEU A 72 0.48 4.42 -3.52
CA LEU A 72 -0.02 4.67 -2.19
C LEU A 72 -1.04 3.66 -1.64
N MET A 73 -2.15 3.46 -2.32
CA MET A 73 -3.17 2.51 -1.88
C MET A 73 -2.63 1.08 -1.68
N GLY A 74 -1.89 0.55 -2.64
CA GLY A 74 -1.38 -0.91 -2.60
C GLY A 74 -0.49 -0.97 -1.37
N LEU A 75 0.38 0.03 -1.25
CA LEU A 75 1.23 0.12 -0.05
C LEU A 75 0.49 0.13 1.27
N MET A 76 -0.57 0.94 1.37
CA MET A 76 -1.24 1.05 2.64
C MET A 76 -2.00 -0.24 2.91
N VAL A 77 -2.58 -0.81 1.89
CA VAL A 77 -3.33 -2.05 2.01
C VAL A 77 -2.43 -3.20 2.48
N PHE A 78 -1.26 -3.32 1.88
CA PHE A 78 -0.29 -4.37 2.26
C PHE A 78 0.20 -4.19 3.69
N ALA A 79 0.56 -2.95 4.07
CA ALA A 79 1.04 -2.73 5.43
C ALA A 79 -0.05 -3.07 6.41
N MET A 80 -1.27 -2.64 6.09
CA MET A 80 -2.42 -2.93 6.90
C MET A 80 -2.72 -4.48 7.01
N GLY A 81 -2.55 -5.24 5.93
CA GLY A 81 -2.74 -6.69 5.98
C GLY A 81 -1.75 -7.32 6.96
N TRP A 82 -0.48 -6.89 6.91
CA TRP A 82 0.53 -7.32 7.88
C TRP A 82 0.23 -6.96 9.34
N ARG A 83 -0.09 -5.68 9.59
CA ARG A 83 -0.54 -5.21 10.92
C ARG A 83 -1.72 -6.03 11.45
N SER A 84 -2.67 -6.40 10.58
CA SER A 84 -3.81 -7.22 11.04
C SER A 84 -3.39 -8.62 11.43
N PHE A 85 -2.36 -9.10 10.76
CA PHE A 85 -1.89 -10.47 10.90
C PHE A 85 -1.18 -10.50 12.23
N THR A 86 -0.15 -9.67 12.35
CA THR A 86 0.66 -9.58 13.58
C THR A 86 -0.13 -9.12 14.82
N ASN A 87 -1.05 -8.17 14.70
CA ASN A 87 -1.71 -7.64 15.88
C ASN A 87 -2.97 -8.37 16.33
N VAL A 88 -3.65 -9.05 15.41
CA VAL A 88 -4.89 -9.68 15.78
C VAL A 88 -5.13 -10.97 15.04
N ASN A 89 -4.06 -11.58 14.56
CA ASN A 89 -4.16 -12.83 13.80
C ASN A 89 -5.27 -12.83 12.70
N SER A 90 -5.43 -11.67 12.06
CA SER A 90 -6.36 -11.52 10.94
C SER A 90 -7.89 -11.61 11.26
N ALA A 91 -8.30 -11.51 12.52
CA ALA A 91 -9.74 -11.55 12.82
C ALA A 91 -10.37 -10.21 12.43
N MET A 92 -9.67 -9.11 12.69
CA MET A 92 -10.14 -7.74 12.33
C MET A 92 -9.12 -6.99 11.47
N LEU A 93 -9.55 -5.87 10.91
CA LEU A 93 -8.66 -5.04 10.10
C LEU A 93 -8.10 -3.92 10.95
N TYR A 94 -6.80 -3.97 11.12
CA TYR A 94 -6.05 -3.05 11.96
C TYR A 94 -5.53 -1.82 11.16
N PHE A 95 -6.47 -0.99 10.69
CA PHE A 95 -6.08 0.27 10.02
C PHE A 95 -5.10 1.05 10.89
N ALA A 96 -5.44 1.13 12.16
CA ALA A 96 -4.65 1.91 13.14
C ALA A 96 -4.99 1.39 14.52
N PRO A 97 -4.20 1.74 15.53
CA PRO A 97 -4.55 1.25 16.87
C PRO A 97 -5.97 1.74 17.31
N ASP A 98 -6.33 2.97 16.90
CA ASP A 98 -7.60 3.60 17.28
C ASP A 98 -8.64 3.50 16.16
N LEU A 99 -8.34 2.71 15.13
CA LEU A 99 -9.31 2.46 14.07
C LEU A 99 -9.24 1.00 13.58
N VAL A 100 -9.67 0.09 14.42
CA VAL A 100 -9.79 -1.33 14.11
C VAL A 100 -11.17 -1.69 13.63
N PHE A 101 -11.32 -2.31 12.43
CA PHE A 101 -12.63 -2.63 11.90
C PHE A 101 -13.03 -4.06 12.31
N ASN A 102 -14.18 -4.15 12.94
CA ASN A 102 -14.86 -5.45 13.13
C ASN A 102 -15.88 -5.52 11.98
N GLU A 103 -16.68 -6.59 11.91
CA GLU A 103 -17.59 -6.75 10.76
C GLU A 103 -18.64 -5.69 10.70
N TYR A 104 -19.05 -5.20 11.86
CA TYR A 104 -20.03 -4.15 11.91
C TYR A 104 -19.51 -2.84 11.21
N ARG A 105 -18.27 -2.46 11.53
CA ARG A 105 -17.62 -1.34 10.87
C ARG A 105 -17.36 -1.57 9.38
N MET A 106 -16.88 -2.79 9.04
CA MET A 106 -16.72 -3.19 7.67
C MET A 106 -17.97 -2.91 6.86
N HIS A 107 -19.11 -3.09 7.51
CA HIS A 107 -20.42 -2.92 6.88
C HIS A 107 -20.92 -1.45 6.91
N LYS A 108 -20.71 -0.73 8.03
CA LYS A 108 -21.12 0.65 8.18
C LYS A 108 -20.35 1.61 7.24
N SER A 109 -19.12 1.21 6.93
CA SER A 109 -18.23 1.95 6.04
C SER A 109 -18.63 1.75 4.61
N ARG A 110 -19.44 0.72 4.32
CA ARG A 110 -19.93 0.47 2.97
C ARG A 110 -18.80 0.03 2.06
N MET A 111 -17.72 -0.45 2.67
CA MET A 111 -16.63 -1.05 1.92
C MET A 111 -16.49 -2.54 2.28
N TYR A 112 -17.59 -3.20 2.62
CA TYR A 112 -17.50 -4.59 3.08
C TYR A 112 -16.71 -5.52 2.11
N SER A 113 -17.03 -5.42 0.84
CA SER A 113 -16.47 -6.25 -0.17
C SER A 113 -14.94 -6.07 -0.25
N GLN A 114 -14.50 -4.82 -0.20
CA GLN A 114 -13.10 -4.52 -0.19
C GLN A 114 -12.47 -4.98 1.10
N CYS A 115 -13.19 -4.81 2.21
CA CYS A 115 -12.65 -5.22 3.51
C CYS A 115 -12.42 -6.76 3.56
N VAL A 116 -13.35 -7.51 3.05
CA VAL A 116 -13.27 -8.96 3.06
C VAL A 116 -12.09 -9.44 2.21
N ARG A 117 -11.84 -8.77 1.07
CA ARG A 117 -10.63 -9.05 0.31
C ARG A 117 -9.39 -8.76 1.07
N MET A 118 -9.43 -7.69 1.85
CA MET A 118 -8.27 -7.34 2.66
C MET A 118 -8.03 -8.28 3.78
N ARG A 119 -9.08 -8.72 4.44
CA ARG A 119 -8.88 -9.75 5.46
C ARG A 119 -8.29 -11.04 4.90
N HIS A 120 -8.66 -11.39 3.67
CA HIS A 120 -8.19 -12.61 3.07
C HIS A 120 -6.67 -12.48 2.87
N LEU A 121 -6.27 -11.30 2.39
CA LEU A 121 -4.86 -10.98 2.12
C LEU A 121 -4.07 -11.11 3.39
N SER A 122 -4.61 -10.52 4.45
CA SER A 122 -4.11 -10.72 5.80
C SER A 122 -3.96 -12.22 6.18
N GLN A 123 -4.96 -13.05 5.94
CA GLN A 123 -4.80 -14.50 6.28
C GLN A 123 -3.66 -15.15 5.54
N GLU A 124 -3.56 -14.85 4.25
CA GLU A 124 -2.43 -15.29 3.43
C GLU A 124 -1.07 -15.12 4.11
N PHE A 125 -0.84 -14.02 4.82
CA PHE A 125 0.44 -13.90 5.52
C PHE A 125 0.70 -15.05 6.50
N GLY A 126 -0.37 -15.44 7.22
CA GLY A 126 -0.36 -16.63 8.07
C GLY A 126 -0.18 -17.88 7.25
N TRP A 127 -1.06 -18.09 6.27
CA TRP A 127 -1.05 -19.27 5.46
C TRP A 127 0.32 -19.57 4.90
N LEU A 128 1.01 -18.53 4.40
CA LEU A 128 2.32 -18.71 3.78
C LEU A 128 3.45 -18.53 4.75
N GLN A 129 3.15 -18.19 6.01
CA GLN A 129 4.22 -17.94 6.99
C GLN A 129 5.23 -16.87 6.47
N ILE A 130 4.72 -15.74 6.00
CA ILE A 130 5.60 -14.67 5.53
C ILE A 130 6.46 -14.20 6.71
N THR A 131 7.77 -14.19 6.53
CA THR A 131 8.65 -13.59 7.53
C THR A 131 8.62 -12.02 7.50
N PRO A 132 9.02 -11.39 8.64
CA PRO A 132 9.06 -9.93 8.75
C PRO A 132 10.00 -9.41 7.68
N GLN A 133 11.01 -10.21 7.33
CA GLN A 133 11.95 -9.80 6.28
C GLN A 133 11.40 -9.85 4.87
N GLU A 134 10.62 -10.89 4.57
CA GLU A 134 9.97 -11.01 3.29
C GLU A 134 8.95 -9.85 3.20
N PHE A 135 8.19 -9.62 4.25
CA PHE A 135 7.20 -8.50 4.26
C PHE A 135 7.83 -7.15 3.80
N LEU A 136 8.93 -6.81 4.45
CA LEU A 136 9.65 -5.56 4.23
C LEU A 136 10.14 -5.47 2.78
N CYS A 137 10.69 -6.58 2.23
CA CYS A 137 11.17 -6.60 0.86
C CYS A 137 10.04 -6.55 -0.14
N MET A 138 8.91 -7.18 0.17
CA MET A 138 7.75 -7.11 -0.70
C MET A 138 7.20 -5.69 -0.67
N LYS A 139 7.08 -5.11 0.51
CA LYS A 139 6.45 -3.78 0.58
C LYS A 139 7.27 -2.82 -0.29
N ALA A 140 8.60 -2.87 -0.16
CA ALA A 140 9.52 -2.03 -0.96
C ALA A 140 9.30 -2.23 -2.44
N LEU A 141 9.11 -3.49 -2.87
CA LEU A 141 8.85 -3.76 -4.31
C LEU A 141 7.55 -3.17 -4.81
N LEU A 142 6.53 -3.12 -3.96
CA LEU A 142 5.26 -2.45 -4.32
C LEU A 142 5.33 -1.00 -4.63
N LEU A 143 6.30 -0.25 -4.12
CA LEU A 143 6.33 1.15 -4.56
C LEU A 143 6.76 1.22 -6.05
N PHE A 144 7.42 0.17 -6.53
CA PHE A 144 7.79 0.12 -7.93
C PHE A 144 6.93 -0.86 -8.74
N SER A 145 5.64 -0.97 -8.45
CA SER A 145 4.80 -1.94 -9.14
C SER A 145 3.66 -1.34 -9.92
N ILE A 146 3.71 -0.05 -10.18
CA ILE A 146 2.59 0.58 -10.86
C ILE A 146 3.04 1.87 -11.54
N ILE A 147 2.97 1.87 -12.87
CA ILE A 147 3.49 2.98 -13.75
C ILE A 147 2.60 3.39 -14.94
N PRO A 148 2.74 4.66 -15.45
CA PRO A 148 1.94 5.05 -16.60
C PRO A 148 2.34 4.15 -17.74
N VAL A 149 1.32 3.60 -18.42
CA VAL A 149 1.51 2.75 -19.63
C VAL A 149 2.40 3.42 -20.72
N ASP A 150 2.38 4.77 -20.74
CA ASP A 150 3.23 5.60 -21.61
C ASP A 150 4.61 5.84 -20.99
N GLY A 151 4.96 5.06 -19.98
CA GLY A 151 6.29 5.13 -19.35
C GLY A 151 6.55 6.34 -18.46
N LEU A 152 7.67 6.27 -17.75
CA LEU A 152 8.11 7.32 -16.81
C LEU A 152 9.06 8.30 -17.51
N LYS A 153 9.41 9.42 -16.86
CA LYS A 153 10.42 10.37 -17.40
C LYS A 153 11.80 9.73 -17.63
N ASN A 154 12.39 9.16 -16.59
CA ASN A 154 13.62 8.40 -16.81
C ASN A 154 13.36 6.92 -16.48
N GLN A 155 12.63 6.31 -17.38
CA GLN A 155 12.18 4.94 -17.26
C GLN A 155 13.32 3.93 -17.03
N LYS A 156 14.49 4.21 -17.55
CA LYS A 156 15.61 3.25 -17.49
C LYS A 156 16.12 3.06 -16.07
N PHE A 157 16.10 4.14 -15.29
CA PHE A 157 16.57 4.06 -13.91
C PHE A 157 15.56 3.32 -13.03
N PHE A 158 14.28 3.61 -13.25
CA PHE A 158 13.18 2.84 -12.69
C PHE A 158 13.36 1.34 -12.95
N ASP A 159 13.52 0.96 -14.21
CA ASP A 159 13.65 -0.43 -14.58
C ASP A 159 14.78 -1.06 -13.80
N GLU A 160 15.88 -0.33 -13.60
CA GLU A 160 17.05 -0.87 -12.90
C GLU A 160 16.83 -1.02 -11.40
N LEU A 161 16.27 0.02 -10.78
CA LEU A 161 15.87 -0.02 -9.40
C LEU A 161 14.98 -1.25 -9.12
N ARG A 162 13.91 -1.39 -9.90
CA ARG A 162 12.92 -2.46 -9.72
C ARG A 162 13.61 -3.84 -9.83
N MET A 163 14.38 -4.04 -10.87
CA MET A 163 15.16 -5.25 -11.02
C MET A 163 15.97 -5.60 -9.79
N ASN A 164 16.63 -4.57 -9.24
CA ASN A 164 17.43 -4.73 -8.04
C ASN A 164 16.61 -5.03 -6.79
N TYR A 165 15.42 -4.47 -6.68
CA TYR A 165 14.53 -4.88 -5.61
C TYR A 165 14.00 -6.34 -5.80
N ILE A 166 13.74 -6.72 -7.05
CA ILE A 166 13.36 -8.12 -7.32
C ILE A 166 14.49 -9.02 -6.81
N LYS A 167 15.74 -8.74 -7.21
CA LYS A 167 16.95 -9.49 -6.74
C LYS A 167 17.07 -9.68 -5.23
N GLU A 168 16.88 -8.58 -4.50
CA GLU A 168 17.00 -8.60 -3.04
C GLU A 168 15.96 -9.47 -2.39
N LEU A 169 14.76 -9.50 -2.97
CA LEU A 169 13.68 -10.30 -2.43
C LEU A 169 13.97 -11.79 -2.72
N ASP A 170 14.53 -12.07 -3.89
CA ASP A 170 14.97 -13.42 -4.24
C ASP A 170 16.08 -13.86 -3.26
N ARG A 171 17.07 -12.99 -3.03
CA ARG A 171 18.17 -13.30 -2.11
C ARG A 171 17.63 -13.65 -0.72
N ILE A 172 16.54 -13.02 -0.31
CA ILE A 172 16.13 -13.18 1.09
C ILE A 172 15.04 -14.24 1.38
N ILE A 173 14.47 -14.86 0.35
CA ILE A 173 13.32 -15.76 0.56
C ILE A 173 13.64 -16.93 1.50
N ALA A 174 12.69 -17.27 2.38
CA ALA A 174 12.82 -18.35 3.39
C ALA A 174 12.75 -19.76 2.80
N CYS A 175 13.88 -20.49 2.83
CA CYS A 175 13.89 -21.93 2.50
C CYS A 175 15.10 -22.73 2.99
N LYS A 176 14.88 -24.04 3.17
CA LYS A 176 15.97 -25.03 3.19
C LYS A 176 16.48 -25.18 1.74
N ARG A 177 17.71 -24.72 1.52
CA ARG A 177 18.21 -24.36 0.17
C ARG A 177 18.55 -25.51 -0.78
N LYS A 178 19.07 -26.63 -0.28
CA LYS A 178 19.45 -27.76 -1.15
C LYS A 178 18.23 -28.39 -1.82
N ASN A 179 17.16 -27.62 -1.80
CA ASN A 179 15.93 -27.92 -2.51
C ASN A 179 15.32 -26.62 -3.08
N PRO A 180 15.60 -26.31 -4.37
CA PRO A 180 14.87 -25.25 -5.07
C PRO A 180 13.35 -25.49 -5.29
N THR A 181 12.81 -26.63 -4.88
CA THR A 181 11.34 -26.84 -4.90
C THR A 181 10.73 -25.82 -3.97
N SER A 182 11.34 -25.65 -2.80
CA SER A 182 10.87 -24.65 -1.86
C SER A 182 11.17 -23.26 -2.44
N CYS A 183 12.44 -22.99 -2.71
CA CYS A 183 12.89 -21.64 -3.12
C CYS A 183 12.25 -21.13 -4.41
N SER A 184 12.10 -21.99 -5.41
CA SER A 184 11.52 -21.57 -6.70
C SER A 184 10.00 -21.37 -6.58
N ARG A 185 9.43 -22.13 -5.64
CA ARG A 185 8.01 -22.21 -5.36
C ARG A 185 7.57 -21.12 -4.38
N ARG A 186 8.49 -20.81 -3.45
CA ARG A 186 8.35 -19.73 -2.46
C ARG A 186 8.22 -18.41 -3.20
N PHE A 187 9.14 -18.18 -4.12
CA PHE A 187 9.11 -17.02 -4.97
C PHE A 187 7.79 -16.95 -5.72
N TYR A 188 7.32 -18.09 -6.21
CA TYR A 188 6.10 -18.12 -6.99
C TYR A 188 5.00 -17.64 -6.06
N GLN A 189 4.99 -18.18 -4.85
CA GLN A 189 3.94 -17.90 -3.92
C GLN A 189 3.92 -16.39 -3.59
N LEU A 190 5.09 -15.83 -3.34
CA LEU A 190 5.20 -14.48 -2.86
C LEU A 190 4.81 -13.50 -3.95
N THR A 191 5.14 -13.83 -5.20
CA THR A 191 4.81 -12.99 -6.35
C THR A 191 3.32 -13.05 -6.71
N LYS A 192 2.72 -14.20 -6.46
CA LYS A 192 1.26 -14.31 -6.48
C LYS A 192 0.63 -13.43 -5.39
N LEU A 193 1.17 -13.48 -4.18
CA LEU A 193 0.63 -12.69 -3.13
C LEU A 193 0.73 -11.16 -3.51
N LEU A 194 1.85 -10.75 -4.05
CA LEU A 194 2.05 -9.32 -4.45
C LEU A 194 1.10 -8.86 -5.53
N ASP A 195 0.90 -9.72 -6.52
CA ASP A 195 -0.08 -9.48 -7.57
C ASP A 195 -1.49 -9.22 -6.99
N SER A 196 -1.87 -9.97 -5.97
CA SER A 196 -3.23 -9.88 -5.46
C SER A 196 -3.50 -8.55 -4.72
N VAL A 197 -2.46 -7.82 -4.39
CA VAL A 197 -2.67 -6.50 -3.80
C VAL A 197 -3.40 -5.59 -4.81
N GLN A 198 -3.06 -5.70 -6.09
CA GLN A 198 -3.52 -4.77 -7.16
C GLN A 198 -5.02 -4.69 -7.40
N PRO A 199 -5.73 -5.84 -7.55
CA PRO A 199 -7.20 -5.70 -7.68
C PRO A 199 -7.83 -5.08 -6.45
N ILE A 200 -7.21 -5.24 -5.29
CA ILE A 200 -7.84 -4.76 -4.07
C ILE A 200 -7.67 -3.23 -4.03
N ALA A 201 -6.48 -2.77 -4.39
CA ALA A 201 -6.18 -1.33 -4.43
C ALA A 201 -7.06 -0.73 -5.51
N ARG A 202 -7.25 -1.44 -6.62
CA ARG A 202 -8.19 -0.93 -7.63
C ARG A 202 -9.67 -0.77 -7.13
N GLU A 203 -10.19 -1.78 -6.45
CA GLU A 203 -11.53 -1.63 -5.85
C GLU A 203 -11.62 -0.42 -4.85
N LEU A 204 -10.55 -0.23 -4.08
CA LEU A 204 -10.51 0.80 -3.10
C LEU A 204 -10.41 2.19 -3.80
N HIS A 205 -9.59 2.25 -4.87
CA HIS A 205 -9.52 3.43 -5.75
C HIS A 205 -10.87 3.80 -6.30
N GLN A 206 -11.60 2.77 -6.75
CA GLN A 206 -12.93 2.95 -7.33
C GLN A 206 -13.92 3.50 -6.31
N PHE A 207 -13.89 2.93 -5.12
CA PHE A 207 -14.79 3.35 -4.06
C PHE A 207 -14.45 4.79 -3.61
N THR A 208 -13.17 5.11 -3.51
CA THR A 208 -12.78 6.47 -3.02
C THR A 208 -13.04 7.55 -4.04
N PHE A 209 -12.82 7.20 -5.31
CA PHE A 209 -13.22 8.06 -6.41
C PHE A 209 -14.70 8.43 -6.34
N ASP A 210 -15.53 7.39 -6.31
CA ASP A 210 -16.96 7.56 -6.20
C ASP A 210 -17.38 8.38 -4.96
N LEU A 211 -16.73 8.11 -3.83
CA LEU A 211 -17.02 8.82 -2.64
C LEU A 211 -16.61 10.30 -2.74
N LEU A 212 -15.47 10.58 -3.35
CA LEU A 212 -15.08 11.98 -3.48
C LEU A 212 -16.16 12.73 -4.29
N ILE A 213 -16.54 12.11 -5.42
CA ILE A 213 -17.57 12.63 -6.32
C ILE A 213 -18.86 13.04 -5.60
N LYS A 214 -19.38 12.15 -4.76
CA LYS A 214 -20.63 12.43 -4.05
C LYS A 214 -20.43 12.94 -2.60
N SER A 215 -19.23 13.41 -2.24
CA SER A 215 -18.87 13.62 -0.81
C SER A 215 -19.66 14.70 -0.08
N HIS A 216 -20.04 15.73 -0.81
CA HIS A 216 -20.82 16.85 -0.33
C HIS A 216 -22.21 16.35 0.06
N MET A 217 -22.69 15.37 -0.69
CA MET A 217 -24.03 14.83 -0.51
C MET A 217 -24.09 13.72 0.59
N VAL A 218 -22.93 13.33 1.14
CA VAL A 218 -22.89 12.36 2.26
C VAL A 218 -22.04 12.84 3.43
N SER A 219 -21.67 14.13 3.45
CA SER A 219 -21.03 14.70 4.65
C SER A 219 -19.65 14.10 4.98
N VAL A 220 -18.97 13.54 3.99
CA VAL A 220 -17.62 13.02 4.21
C VAL A 220 -16.61 14.12 3.89
N ASP A 221 -15.65 14.35 4.79
CA ASP A 221 -14.61 15.31 4.51
C ASP A 221 -13.31 14.66 4.02
N PHE A 222 -12.80 15.21 2.92
CA PHE A 222 -11.51 14.87 2.38
C PHE A 222 -10.53 15.99 2.65
N PRO A 223 -9.36 15.64 3.21
CA PRO A 223 -8.34 16.64 3.25
C PRO A 223 -7.96 17.07 1.84
N GLU A 224 -7.71 18.36 1.74
CA GLU A 224 -7.43 19.02 0.49
C GLU A 224 -6.38 18.18 -0.29
N MET A 225 -5.41 17.62 0.42
CA MET A 225 -4.34 16.94 -0.29
C MET A 225 -4.88 15.63 -0.92
N MET A 226 -5.71 14.92 -0.15
CA MET A 226 -6.32 13.68 -0.64
C MET A 226 -7.24 14.01 -1.79
N ALA A 227 -8.02 15.09 -1.69
CA ALA A 227 -8.89 15.51 -2.81
C ALA A 227 -8.13 15.68 -4.14
N GLU A 228 -6.95 16.31 -4.09
CA GLU A 228 -6.14 16.50 -5.27
C GLU A 228 -5.63 15.16 -5.84
N ILE A 229 -5.16 14.27 -4.98
CA ILE A 229 -4.62 12.99 -5.49
C ILE A 229 -5.72 12.17 -6.15
N ILE A 230 -6.89 12.10 -5.50
CA ILE A 230 -8.05 11.35 -6.02
C ILE A 230 -8.48 11.87 -7.37
N SER A 231 -8.51 13.21 -7.52
CA SER A 231 -9.06 13.82 -8.71
C SER A 231 -8.01 13.91 -9.77
N VAL A 232 -6.73 13.93 -9.37
CA VAL A 232 -5.74 14.15 -10.41
C VAL A 232 -5.01 12.84 -10.84
N GLN A 233 -4.70 11.97 -9.89
CA GLN A 233 -3.87 10.77 -10.20
C GLN A 233 -4.66 9.50 -10.23
N VAL A 234 -5.51 9.35 -9.23
CA VAL A 234 -6.43 8.22 -9.15
C VAL A 234 -7.13 7.91 -10.47
N PRO A 235 -7.64 8.99 -11.15
CA PRO A 235 -8.39 8.60 -12.37
C PRO A 235 -7.52 8.04 -13.51
N LYS A 236 -6.22 8.35 -13.53
CA LYS A 236 -5.30 7.69 -14.46
C LYS A 236 -5.22 6.17 -14.25
N ILE A 237 -5.40 5.72 -13.01
CA ILE A 237 -5.36 4.26 -12.76
C ILE A 237 -6.67 3.64 -13.22
N LEU A 238 -7.76 4.29 -12.83
CA LEU A 238 -9.09 3.77 -13.12
C LEU A 238 -9.35 3.82 -14.62
N SER A 239 -8.69 4.75 -15.33
CA SER A 239 -8.90 4.84 -16.74
C SER A 239 -7.94 3.96 -17.52
N GLY A 240 -7.00 3.31 -16.86
CA GLY A 240 -6.10 2.40 -17.58
C GLY A 240 -4.85 3.06 -18.14
N LYS A 241 -4.67 4.36 -17.86
CA LYS A 241 -3.49 5.10 -18.29
C LYS A 241 -2.26 4.70 -17.44
N VAL A 242 -2.49 4.37 -16.18
CA VAL A 242 -1.44 3.87 -15.29
C VAL A 242 -1.87 2.47 -14.88
N LYS A 243 -0.94 1.52 -14.84
CA LYS A 243 -1.33 0.12 -14.71
C LYS A 243 -0.33 -0.66 -13.87
N PRO A 244 -0.76 -1.73 -13.16
CA PRO A 244 0.25 -2.42 -12.33
C PRO A 244 1.20 -3.18 -13.18
N ILE A 245 2.38 -3.44 -12.68
CA ILE A 245 3.27 -4.36 -13.33
C ILE A 245 3.01 -5.66 -12.58
N TYR A 246 2.43 -6.63 -13.26
CA TYR A 246 2.09 -7.91 -12.66
C TYR A 246 3.20 -8.93 -12.91
N PHE A 247 3.50 -9.75 -11.91
CA PHE A 247 4.36 -10.91 -12.14
C PHE A 247 3.74 -11.91 -13.10
N HIS A 248 2.50 -12.31 -12.86
CA HIS A 248 1.80 -13.36 -13.62
C HIS A 248 0.72 -12.79 -14.55
N THR A 249 0.04 -13.66 -15.31
CA THR A 249 -0.86 -13.17 -16.37
C THR A 249 -2.39 -13.11 -16.09
N GLY B 2 1.19 21.26 -7.12
CA GLY B 2 0.00 21.35 -6.23
C GLY B 2 0.35 20.93 -4.82
N ALA B 3 -0.69 20.52 -4.08
CA ALA B 3 -0.60 20.12 -2.66
C ALA B 3 0.34 18.96 -2.36
N PHE B 4 0.45 17.96 -3.25
CA PHE B 4 1.39 16.88 -3.00
C PHE B 4 2.86 17.23 -3.18
N GLN B 5 3.16 18.02 -4.22
CA GLN B 5 4.53 18.47 -4.52
C GLN B 5 5.09 19.29 -3.36
N ASN B 6 4.22 20.07 -2.72
CA ASN B 6 4.70 20.86 -1.60
C ASN B 6 4.96 20.02 -0.36
N LEU B 7 4.16 18.96 -0.17
CA LEU B 7 4.45 17.97 0.88
C LEU B 7 5.78 17.34 0.54
N PHE B 8 5.90 16.84 -0.69
CA PHE B 8 7.11 16.16 -1.15
C PHE B 8 8.33 17.04 -0.82
N GLN B 9 8.15 18.36 -0.98
CA GLN B 9 9.16 19.38 -0.66
C GLN B 9 9.68 19.45 0.79
N SER B 10 8.83 19.52 1.81
CA SER B 10 9.30 19.44 3.22
C SER B 10 9.65 18.02 3.66
C16 198 C . -5.95 6.54 -0.42
C17 198 C . -5.15 6.36 -1.57
C18 198 C . -5.10 7.35 -2.56
F18 198 C . -4.32 7.27 -3.66
C19 198 C . -5.86 8.52 -2.43
C20 198 C . -6.67 8.66 -1.30
C15 198 C . -6.73 7.72 -0.27
S14 198 C . -7.72 8.03 0.97
O14 198 C . -7.06 7.61 2.15
O15 198 C . -8.03 9.47 0.95
C13 198 C . -9.18 7.24 0.75
C11 198 C . -9.68 6.51 1.97
O11 198 C . -9.52 7.42 3.08
C12 198 C . -11.11 6.03 1.80
C10 198 C . -8.76 5.32 2.16
O10 198 C . -8.51 4.53 1.27
N9 198 C . -8.24 5.35 3.36
C1 198 C . -7.44 4.46 3.90
C2 198 C . -7.31 3.12 3.37
C6 198 C . -6.77 4.93 5.03
C5 198 C . -5.90 4.06 5.72
C4 198 C . -5.69 2.73 5.22
C8 198 C . -4.91 1.89 5.86
N8 198 C . -4.23 1.20 6.54
C3 198 C . -6.43 2.27 4.02
C7 198 C . -6.25 0.84 3.46
F7B 198 C . -5.45 0.77 2.46
F7C 198 C . -5.71 -0.01 4.27
F7A 198 C . -7.38 0.40 3.02
#